data_1IGM
#
_entry.id   1IGM
#
_cell.length_a   43.700
_cell.length_b   43.700
_cell.length_c   212.300
_cell.angle_alpha   90.00
_cell.angle_beta   90.00
_cell.angle_gamma   90.00
#
_symmetry.space_group_name_H-M   'P 43 21 2'
#
loop_
_entity.id
_entity.type
_entity.pdbx_description
1 polymer 'IGM-KAPPA POT FV (LIGHT CHAIN)'
2 polymer 'IGM-KAPPA POT FV (HEAVY CHAIN)'
3 water water
#
loop_
_entity_poly.entity_id
_entity_poly.type
_entity_poly.pdbx_seq_one_letter_code
_entity_poly.pdbx_strand_id
1 'polypeptide(L)'
;DIQMTQSPSSLSASVGDRVTITCQASQDISNYLAWYQQKPGKAPELRIYDASNLETGVPSRFSGSGSGTDFTFTISSLQP
EDIATYYCQQYQNLPLTFGPGTKVDIKRTVAAPSV
;
L
2 'polypeptide(L)'
;EVHLLESGGNLVQPGGSLRLSCAASGFTFNIFVMSWVRQAPGKGLEWVSGVFGSGGNTDYADAVKGRFTITRDNSKNTLY
LQMNSLRAEDTAIYYCAKHRVSYVLTGFDSWGQGTLVTVSSGSASAPTL
;
H
#
# COMPACT_ATOMS: atom_id res chain seq x y z
N ASP A 1 6.99 3.51 -15.29
CA ASP A 1 7.23 4.01 -13.91
C ASP A 1 8.54 3.36 -13.44
N ILE A 2 8.67 3.12 -12.14
CA ILE A 2 9.67 2.17 -11.66
C ILE A 2 8.85 0.86 -11.58
N GLN A 3 9.43 -0.16 -12.13
CA GLN A 3 8.86 -1.51 -11.95
C GLN A 3 9.57 -2.10 -10.73
N MET A 4 8.81 -2.59 -9.78
CA MET A 4 9.35 -3.34 -8.61
C MET A 4 8.94 -4.82 -8.70
N THR A 5 9.90 -5.71 -8.59
CA THR A 5 9.67 -7.17 -8.67
C THR A 5 9.88 -7.89 -7.33
N GLN A 6 8.98 -8.82 -7.02
CA GLN A 6 9.05 -9.57 -5.76
C GLN A 6 9.20 -11.07 -5.88
N SER A 7 10.42 -11.48 -5.61
CA SER A 7 10.87 -12.87 -5.59
C SER A 7 10.84 -13.39 -4.16
N PRO A 8 10.21 -14.53 -3.91
CA PRO A 8 9.23 -15.16 -4.78
C PRO A 8 7.82 -14.77 -4.33
N SER A 9 6.87 -15.28 -5.10
CA SER A 9 5.44 -15.00 -4.97
C SER A 9 4.87 -15.48 -3.65
N SER A 10 5.01 -16.76 -3.37
CA SER A 10 4.51 -17.36 -2.12
C SER A 10 5.61 -18.26 -1.57
N LEU A 11 5.55 -18.48 -0.27
CA LEU A 11 6.40 -19.52 0.35
C LEU A 11 5.69 -20.05 1.57
N SER A 12 6.22 -21.20 2.01
CA SER A 12 5.83 -21.83 3.25
C SER A 12 7.09 -22.15 4.04
N ALA A 13 7.20 -21.63 5.23
CA ALA A 13 8.32 -22.03 6.12
C ALA A 13 7.78 -22.74 7.35
N SER A 14 8.51 -22.66 8.45
CA SER A 14 8.24 -23.32 9.72
C SER A 14 8.74 -22.46 10.89
N VAL A 15 8.02 -22.51 11.99
CA VAL A 15 8.39 -21.72 13.19
C VAL A 15 9.90 -21.86 13.41
N GLY A 16 10.54 -20.73 13.64
CA GLY A 16 11.99 -20.79 13.93
C GLY A 16 12.84 -20.45 12.72
N ASP A 17 12.36 -20.77 11.52
CA ASP A 17 13.12 -20.63 10.29
C ASP A 17 13.56 -19.15 10.06
N ARG A 18 14.63 -19.08 9.28
CA ARG A 18 15.12 -17.83 8.69
C ARG A 18 14.63 -17.77 7.22
N VAL A 19 13.92 -16.68 6.93
CA VAL A 19 13.25 -16.48 5.65
C VAL A 19 13.64 -15.18 4.98
N THR A 20 13.83 -15.29 3.68
CA THR A 20 14.41 -14.18 2.89
C THR A 20 13.61 -13.87 1.65
N ILE A 21 13.30 -12.59 1.47
CA ILE A 21 12.55 -12.09 0.30
C ILE A 21 13.41 -11.15 -0.55
N THR A 22 13.27 -11.22 -1.85
CA THR A 22 14.07 -10.40 -2.81
C THR A 22 13.15 -9.38 -3.45
N CYS A 23 13.49 -8.10 -3.38
CA CYS A 23 12.65 -7.05 -4.06
C CYS A 23 13.63 -6.31 -4.97
N GLN A 24 13.34 -6.29 -6.26
CA GLN A 24 14.29 -5.82 -7.27
C GLN A 24 13.70 -4.59 -8.00
N ALA A 25 14.50 -3.60 -8.25
CA ALA A 25 14.04 -2.36 -8.91
C ALA A 25 14.39 -2.29 -10.40
N SER A 26 13.77 -1.33 -11.07
CA SER A 26 14.10 -1.06 -12.49
C SER A 26 15.18 -0.01 -12.60
N GLN A 27 14.86 1.22 -12.26
CA GLN A 27 15.80 2.35 -12.07
C GLN A 27 16.82 2.00 -10.97
N ASP A 28 17.87 2.79 -10.88
CA ASP A 28 18.69 2.81 -9.61
C ASP A 28 17.93 3.76 -8.67
N ILE A 29 17.62 3.19 -7.53
CA ILE A 29 16.68 3.83 -6.57
C ILE A 29 17.38 4.38 -5.36
N SER A 30 18.70 4.49 -5.44
CA SER A 30 19.53 4.64 -4.21
C SER A 30 19.02 3.63 -3.20
N ASN A 31 18.53 4.05 -2.06
CA ASN A 31 18.09 3.08 -1.01
C ASN A 31 16.76 3.58 -0.47
N TYR A 32 15.98 4.01 -1.45
CA TYR A 32 14.64 4.61 -1.12
C TYR A 32 13.56 3.57 -1.21
N LEU A 33 13.53 2.73 -0.17
CA LEU A 33 12.69 1.57 -0.04
C LEU A 33 12.13 1.31 1.36
N ALA A 34 10.89 0.80 1.29
CA ALA A 34 10.07 0.49 2.46
C ALA A 34 9.48 -0.91 2.35
N TRP A 35 9.50 -1.62 3.48
CA TRP A 35 8.85 -2.93 3.59
C TRP A 35 7.56 -2.73 4.40
N TYR A 36 6.59 -3.55 4.04
CA TYR A 36 5.29 -3.59 4.70
C TYR A 36 4.90 -5.03 4.98
N GLN A 37 4.24 -5.18 6.11
CA GLN A 37 3.67 -6.49 6.52
C GLN A 37 2.16 -6.36 6.31
N GLN A 38 1.47 -7.39 5.87
CA GLN A 38 -0.01 -7.30 5.81
C GLN A 38 -0.64 -8.63 6.10
N LYS A 39 -1.13 -8.70 7.33
CA LYS A 39 -1.91 -9.85 7.82
C LYS A 39 -3.30 -9.69 7.17
N PRO A 40 -3.94 -10.80 6.85
CA PRO A 40 -5.12 -10.78 5.99
C PRO A 40 -6.23 -9.99 6.66
N GLY A 41 -6.80 -9.10 5.87
CA GLY A 41 -7.84 -8.17 6.34
C GLY A 41 -7.22 -7.14 7.30
N LYS A 42 -5.96 -6.78 7.02
CA LYS A 42 -5.37 -5.64 7.76
C LYS A 42 -4.69 -4.68 6.82
N ALA A 43 -4.65 -3.44 7.27
CA ALA A 43 -3.88 -2.38 6.56
C ALA A 43 -2.44 -2.87 6.55
N PRO A 44 -1.70 -2.37 5.58
CA PRO A 44 -0.25 -2.63 5.51
C PRO A 44 0.36 -1.99 6.74
N GLU A 45 1.41 -2.55 7.28
CA GLU A 45 2.16 -1.94 8.40
C GLU A 45 3.64 -1.77 8.11
N LEU A 46 4.16 -0.53 8.22
CA LEU A 46 5.55 -0.20 7.93
C LEU A 46 6.49 -1.04 8.81
N ARG A 47 7.41 -1.73 8.14
CA ARG A 47 8.40 -2.56 8.86
C ARG A 47 9.75 -1.88 8.85
N ILE A 48 10.32 -1.78 7.65
CA ILE A 48 11.62 -1.14 7.40
C ILE A 48 11.54 0.01 6.41
N TYR A 49 12.21 1.11 6.72
CA TYR A 49 12.35 2.24 5.81
C TYR A 49 13.84 2.56 5.66
N ASP A 50 14.13 3.10 4.48
CA ASP A 50 15.48 3.49 4.09
C ASP A 50 16.38 2.27 3.89
N ALA A 51 15.71 1.24 3.38
CA ALA A 51 16.36 -0.05 3.11
C ALA A 51 16.69 -0.81 4.37
N SER A 52 17.14 -0.11 5.41
CA SER A 52 17.66 -0.81 6.60
C SER A 52 16.99 -0.47 7.89
N ASN A 53 16.50 0.74 8.04
CA ASN A 53 16.02 1.21 9.34
C ASN A 53 14.69 0.51 9.68
N LEU A 54 14.63 0.08 10.93
CA LEU A 54 13.46 -0.56 11.51
C LEU A 54 12.59 0.56 12.11
N GLU A 55 11.32 0.52 11.73
CA GLU A 55 10.37 1.48 12.32
C GLU A 55 10.33 1.17 13.82
N THR A 56 9.87 2.16 14.58
CA THR A 56 9.99 2.01 16.05
C THR A 56 9.14 0.82 16.49
N GLY A 57 9.67 0.08 17.41
CA GLY A 57 8.96 -1.03 18.04
C GLY A 57 8.78 -2.23 17.15
N VAL A 58 9.35 -2.18 15.97
CA VAL A 58 9.47 -3.55 15.24
C VAL A 58 10.50 -4.37 15.98
N PRO A 59 10.40 -5.69 15.88
CA PRO A 59 11.32 -6.62 16.55
C PRO A 59 12.52 -6.91 15.67
N SER A 60 13.68 -6.98 16.32
CA SER A 60 14.99 -7.09 15.60
C SER A 60 15.17 -8.57 15.21
N ARG A 61 14.65 -8.84 14.05
CA ARG A 61 14.26 -10.23 13.65
C ARG A 61 13.87 -10.04 12.17
N PHE A 62 13.22 -8.87 12.07
CA PHE A 62 12.99 -8.27 10.73
C PHE A 62 14.28 -7.51 10.40
N SER A 63 14.69 -7.64 9.17
CA SER A 63 15.94 -7.04 8.67
C SER A 63 15.72 -6.65 7.21
N GLY A 64 16.55 -5.72 6.77
CA GLY A 64 16.48 -5.16 5.42
C GLY A 64 17.89 -4.74 4.98
N SER A 65 18.26 -5.29 3.83
CA SER A 65 19.56 -5.06 3.22
C SER A 65 19.36 -4.62 1.77
N GLY A 66 20.44 -4.11 1.21
CA GLY A 66 20.52 -3.76 -0.20
C GLY A 66 20.44 -2.27 -0.50
N SER A 67 20.90 -1.96 -1.71
CA SER A 67 20.89 -0.62 -2.26
C SER A 67 21.03 -0.70 -3.79
N GLY A 68 20.25 0.11 -4.46
CA GLY A 68 20.29 0.36 -5.87
C GLY A 68 19.24 -0.36 -6.69
N THR A 69 19.45 -1.65 -6.80
CA THR A 69 18.71 -2.59 -7.63
C THR A 69 18.05 -3.66 -6.76
N ASP A 70 18.86 -4.53 -6.19
CA ASP A 70 18.42 -5.63 -5.33
C ASP A 70 18.24 -5.19 -3.88
N PHE A 71 17.15 -5.67 -3.32
CA PHE A 71 16.91 -5.51 -1.86
C PHE A 71 16.53 -6.87 -1.25
N THR A 72 16.92 -7.03 0.02
CA THR A 72 16.60 -8.26 0.76
C THR A 72 15.93 -7.90 2.08
N PHE A 73 14.95 -8.73 2.38
CA PHE A 73 14.27 -8.60 3.69
C PHE A 73 14.38 -9.98 4.34
N THR A 74 14.74 -9.95 5.60
CA THR A 74 14.98 -11.23 6.31
C THR A 74 14.31 -11.29 7.67
N ILE A 75 13.75 -12.46 7.93
CA ILE A 75 13.15 -12.80 9.24
C ILE A 75 14.00 -13.96 9.77
N SER A 76 14.78 -13.68 10.80
CA SER A 76 15.72 -14.72 11.27
C SER A 76 14.98 -15.87 11.92
N SER A 77 13.79 -15.62 12.42
CA SER A 77 13.00 -16.66 13.10
C SER A 77 11.55 -16.47 12.72
N LEU A 78 10.91 -17.58 12.37
CA LEU A 78 9.49 -17.56 12.05
C LEU A 78 8.71 -17.59 13.39
N GLN A 79 7.77 -16.68 13.41
CA GLN A 79 6.74 -16.53 14.42
C GLN A 79 5.38 -16.51 13.72
N PRO A 80 4.43 -17.23 14.29
CA PRO A 80 3.04 -17.22 13.83
C PRO A 80 2.40 -15.86 13.70
N GLU A 81 3.06 -14.85 14.24
CA GLU A 81 2.61 -13.47 14.15
C GLU A 81 3.04 -12.81 12.86
N ASP A 82 3.90 -13.48 12.10
CA ASP A 82 4.49 -12.85 10.90
C ASP A 82 3.69 -13.33 9.68
N ILE A 83 2.73 -14.24 9.99
CA ILE A 83 1.97 -14.70 8.75
C ILE A 83 1.46 -13.49 8.01
N ALA A 84 1.74 -13.38 6.73
CA ALA A 84 1.47 -12.11 6.01
C ALA A 84 1.99 -11.97 4.60
N THR A 85 1.43 -10.93 3.92
CA THR A 85 1.90 -10.50 2.60
C THR A 85 2.91 -9.35 2.81
N TYR A 86 4.10 -9.57 2.33
CA TYR A 86 5.17 -8.56 2.43
C TYR A 86 5.18 -7.74 1.17
N TYR A 87 5.45 -6.44 1.32
CA TYR A 87 5.56 -5.52 0.18
C TYR A 87 6.79 -4.61 0.29
N CYS A 88 7.29 -4.22 -0.86
CA CYS A 88 8.38 -3.24 -0.99
C CYS A 88 7.80 -2.08 -1.83
N GLN A 89 8.22 -0.90 -1.45
CA GLN A 89 7.78 0.35 -2.08
C GLN A 89 9.00 1.24 -2.31
N GLN A 90 9.07 1.71 -3.54
CA GLN A 90 10.12 2.65 -3.98
C GLN A 90 9.66 4.10 -3.79
N TYR A 91 10.61 4.95 -3.39
CA TYR A 91 10.32 6.40 -3.32
C TYR A 91 11.47 7.21 -3.90
N GLN A 92 11.86 6.82 -5.09
CA GLN A 92 12.90 7.51 -5.87
C GLN A 92 12.21 8.60 -6.69
N ASN A 93 10.96 8.31 -7.07
CA ASN A 93 10.14 9.19 -7.89
C ASN A 93 8.65 8.80 -7.83
N LEU A 94 7.88 9.64 -8.48
CA LEU A 94 6.45 9.40 -8.73
C LEU A 94 6.30 8.73 -10.09
N PRO A 95 5.30 7.91 -10.31
CA PRO A 95 4.31 7.45 -9.33
C PRO A 95 5.00 6.60 -8.28
N LEU A 96 4.76 6.84 -7.00
CA LEU A 96 5.22 5.90 -5.98
C LEU A 96 4.77 4.49 -6.42
N THR A 97 5.71 3.56 -6.44
CA THR A 97 5.41 2.21 -6.87
C THR A 97 5.70 1.14 -5.83
N PHE A 98 4.70 0.27 -5.74
CA PHE A 98 4.74 -0.91 -4.88
C PHE A 98 4.98 -2.14 -5.80
N GLY A 99 5.45 -3.17 -5.13
CA GLY A 99 5.76 -4.43 -5.84
C GLY A 99 4.59 -5.36 -5.53
N PRO A 100 4.52 -6.41 -6.33
CA PRO A 100 3.43 -7.37 -6.30
C PRO A 100 3.18 -7.97 -4.92
N GLY A 101 4.21 -8.33 -4.19
CA GLY A 101 4.07 -8.87 -2.82
C GLY A 101 4.57 -10.31 -2.70
N THR A 102 4.93 -10.66 -1.47
CA THR A 102 5.38 -12.02 -1.11
C THR A 102 4.59 -12.56 0.09
N LYS A 103 3.75 -13.54 -0.20
CA LYS A 103 2.86 -14.14 0.84
C LYS A 103 3.63 -15.26 1.54
N VAL A 104 3.79 -15.03 2.84
CA VAL A 104 4.55 -15.92 3.71
C VAL A 104 3.57 -16.77 4.53
N ASP A 105 3.88 -18.07 4.58
CA ASP A 105 2.93 -18.99 5.25
C ASP A 105 3.57 -20.20 5.90
N ILE A 106 2.85 -20.83 6.84
CA ILE A 106 3.29 -22.03 7.54
C ILE A 106 3.22 -23.24 6.61
N LYS A 107 4.08 -24.20 6.92
CA LYS A 107 4.03 -25.51 6.20
C LYS A 107 2.87 -26.29 6.80
N ARG A 108 1.91 -26.68 5.96
CA ARG A 108 0.74 -27.44 6.43
C ARG A 108 0.09 -28.31 5.36
N THR A 109 0.15 -29.62 5.65
CA THR A 109 -0.54 -30.66 4.93
C THR A 109 0.07 -31.09 3.62
N VAL A 110 0.20 -30.20 2.63
CA VAL A 110 0.35 -30.65 1.24
C VAL A 110 1.76 -30.87 0.71
N ALA A 111 2.24 -32.10 0.84
CA ALA A 111 3.42 -32.62 0.20
C ALA A 111 4.66 -31.76 0.19
N ALA A 112 4.65 -30.60 0.82
CA ALA A 112 5.61 -29.51 0.49
C ALA A 112 5.85 -29.51 -1.04
N PRO A 113 4.70 -29.54 -1.71
CA PRO A 113 4.47 -30.20 -2.99
C PRO A 113 5.60 -30.84 -3.73
N SER A 114 6.55 -31.41 -2.99
CA SER A 114 7.80 -31.97 -3.47
C SER A 114 7.59 -33.31 -4.16
N VAL A 115 7.54 -33.32 -5.49
CA VAL A 115 7.31 -34.58 -6.22
C VAL A 115 8.65 -35.24 -6.58
N GLU B 1 -1.25 9.74 18.84
CA GLU B 1 -1.13 8.41 18.22
C GLU B 1 -2.04 8.43 17.00
N VAL B 2 -1.47 8.12 15.86
CA VAL B 2 -2.17 8.29 14.56
C VAL B 2 -3.41 7.41 14.49
N HIS B 3 -4.56 8.04 14.30
CA HIS B 3 -5.80 7.29 14.05
C HIS B 3 -6.43 7.86 12.78
N LEU B 4 -6.38 7.08 11.69
CA LEU B 4 -6.92 7.47 10.39
C LEU B 4 -8.19 6.65 10.09
N LEU B 5 -9.30 7.34 10.24
CA LEU B 5 -10.64 6.77 10.11
C LEU B 5 -11.34 7.11 8.80
N GLU B 6 -11.77 6.09 8.09
CA GLU B 6 -12.27 6.23 6.73
C GLU B 6 -13.71 5.75 6.57
N SER B 7 -14.49 6.63 5.97
CA SER B 7 -15.90 6.34 5.65
C SER B 7 -16.16 6.66 4.16
N GLY B 8 -17.39 6.33 3.80
CA GLY B 8 -18.01 6.81 2.58
C GLY B 8 -18.03 5.90 1.39
N GLY B 9 -17.17 4.89 1.40
CA GLY B 9 -17.11 3.88 0.32
C GLY B 9 -18.37 3.01 0.34
N ASN B 10 -18.92 2.80 -0.85
CA ASN B 10 -20.02 1.80 -1.01
C ASN B 10 -20.16 1.40 -2.48
N LEU B 11 -21.05 0.43 -2.71
CA LEU B 11 -21.41 -0.03 -4.04
C LEU B 11 -21.88 1.15 -4.89
N VAL B 12 -21.34 1.21 -6.10
CA VAL B 12 -21.66 2.26 -7.06
C VAL B 12 -21.68 1.72 -8.49
N GLN B 13 -22.62 2.26 -9.23
CA GLN B 13 -22.82 2.08 -10.67
C GLN B 13 -21.64 2.68 -11.43
N PRO B 14 -21.38 2.09 -12.61
CA PRO B 14 -20.34 2.64 -13.49
C PRO B 14 -20.83 3.98 -14.03
N GLY B 15 -19.93 4.95 -14.05
CA GLY B 15 -20.27 6.32 -14.50
C GLY B 15 -20.66 7.13 -13.25
N GLY B 16 -20.80 6.38 -12.16
CA GLY B 16 -21.04 6.97 -10.84
C GLY B 16 -19.87 7.80 -10.32
N SER B 17 -20.14 8.41 -9.16
CA SER B 17 -19.16 9.20 -8.44
C SER B 17 -19.29 8.99 -6.93
N LEU B 18 -18.20 8.66 -6.28
CA LEU B 18 -18.18 8.60 -4.80
C LEU B 18 -17.33 9.72 -4.20
N ARG B 19 -17.53 9.96 -2.93
CA ARG B 19 -16.72 10.87 -2.12
C ARG B 19 -16.24 10.07 -0.91
N LEU B 20 -14.97 9.72 -0.92
CA LEU B 20 -14.38 9.03 0.25
C LEU B 20 -13.91 10.12 1.22
N SER B 21 -14.02 9.76 2.51
CA SER B 21 -13.39 10.63 3.52
C SER B 21 -12.57 9.78 4.48
N CYS B 22 -11.53 10.46 4.94
CA CYS B 22 -10.58 9.91 5.93
C CYS B 22 -10.17 11.06 6.87
N ALA B 23 -10.39 10.80 8.15
CA ALA B 23 -10.15 11.75 9.24
C ALA B 23 -8.96 11.29 10.05
N ALA B 24 -8.15 12.26 10.46
CA ALA B 24 -6.86 11.91 11.13
C ALA B 24 -6.83 12.35 12.58
N SER B 25 -5.90 11.72 13.36
CA SER B 25 -5.63 12.16 14.73
C SER B 25 -4.26 11.81 15.28
N GLY B 26 -3.84 12.67 16.19
CA GLY B 26 -2.69 12.48 17.08
C GLY B 26 -1.39 12.62 16.29
N PHE B 27 -1.38 13.71 15.55
CA PHE B 27 -0.30 14.15 14.67
C PHE B 27 -0.72 15.53 14.12
N THR B 28 0.23 16.41 13.86
CA THR B 28 -0.04 17.70 13.23
C THR B 28 -0.35 17.50 11.74
N PHE B 29 -1.62 17.20 11.53
CA PHE B 29 -2.17 16.83 10.23
C PHE B 29 -1.67 17.78 9.15
N ASN B 30 -1.80 19.05 9.47
CA ASN B 30 -1.61 20.14 8.52
C ASN B 30 -0.16 20.38 8.14
N ILE B 31 0.73 19.60 8.74
CA ILE B 31 2.16 19.71 8.40
C ILE B 31 2.60 18.51 7.55
N PHE B 32 1.72 17.50 7.42
CA PHE B 32 2.08 16.27 6.75
C PHE B 32 1.47 16.10 5.36
N VAL B 33 2.22 15.31 4.59
CA VAL B 33 1.75 14.95 3.22
C VAL B 33 0.77 13.80 3.43
N MET B 34 -0.27 13.83 2.60
CA MET B 34 -1.28 12.74 2.72
C MET B 34 -1.55 12.15 1.36
N SER B 35 -1.68 10.82 1.36
CA SER B 35 -1.93 10.05 0.12
C SER B 35 -3.14 9.13 0.26
N TRP B 36 -3.76 8.84 -0.91
CA TRP B 36 -4.72 7.71 -0.98
C TRP B 36 -4.05 6.59 -1.82
N VAL B 37 -4.11 5.40 -1.26
CA VAL B 37 -3.59 4.20 -2.00
C VAL B 37 -4.73 3.21 -2.02
N ARG B 38 -4.91 2.53 -3.15
CA ARG B 38 -5.94 1.50 -3.29
C ARG B 38 -5.34 0.12 -3.51
N GLN B 39 -6.19 -0.88 -3.28
CA GLN B 39 -5.85 -2.30 -3.37
C GLN B 39 -6.95 -3.15 -4.00
N ALA B 40 -6.73 -3.50 -5.27
CA ALA B 40 -7.67 -4.28 -6.05
C ALA B 40 -7.62 -5.77 -5.69
N PRO B 41 -8.82 -6.37 -5.61
CA PRO B 41 -8.94 -7.85 -5.45
C PRO B 41 -8.11 -8.44 -6.60
N GLY B 42 -7.12 -9.18 -6.13
CA GLY B 42 -6.25 -9.96 -7.03
C GLY B 42 -5.21 -8.99 -7.60
N LYS B 43 -4.71 -8.16 -6.70
CA LYS B 43 -3.78 -7.10 -7.07
C LYS B 43 -3.08 -6.54 -5.84
N GLY B 44 -1.95 -5.93 -6.12
CA GLY B 44 -1.14 -5.30 -5.08
C GLY B 44 -1.64 -3.85 -4.93
N LEU B 45 -0.77 -3.06 -4.36
CA LEU B 45 -1.07 -1.68 -3.98
C LEU B 45 -0.66 -0.70 -5.04
N GLU B 46 -1.60 0.22 -5.27
CA GLU B 46 -1.32 1.35 -6.19
C GLU B 46 -1.64 2.63 -5.43
N TRP B 47 -0.60 3.45 -5.33
CA TRP B 47 -0.76 4.84 -4.87
C TRP B 47 -1.57 5.57 -5.95
N VAL B 48 -2.51 6.37 -5.46
CA VAL B 48 -3.50 7.01 -6.32
C VAL B 48 -3.18 8.49 -6.46
N SER B 49 -3.24 9.19 -5.33
CA SER B 49 -3.02 10.65 -5.30
C SER B 49 -2.32 11.05 -4.02
N GLY B 50 -1.58 12.14 -4.09
CA GLY B 50 -0.92 12.75 -2.91
C GLY B 50 -1.27 14.24 -2.85
N VAL B 51 -1.51 14.76 -1.67
CA VAL B 51 -1.76 16.17 -1.38
C VAL B 51 -0.73 16.72 -0.37
N PHE B 52 -0.36 17.98 -0.57
CA PHE B 52 0.73 18.68 0.08
C PHE B 52 0.44 19.73 1.13
N GLY B 53 0.34 19.31 2.39
CA GLY B 53 0.19 20.17 3.56
C GLY B 53 -0.89 21.23 3.43
N SER B 54 -0.61 22.26 2.68
CA SER B 54 -1.43 23.45 2.49
C SER B 54 -2.68 23.11 1.63
N GLY B 55 -2.60 21.89 1.14
CA GLY B 55 -3.71 21.50 0.13
C GLY B 55 -3.24 22.29 -1.13
N GLY B 56 -1.91 22.25 -1.19
CA GLY B 56 -1.14 22.89 -2.25
C GLY B 56 -1.10 21.95 -3.47
N ASN B 57 0.14 21.57 -3.75
CA ASN B 57 0.42 20.73 -4.95
C ASN B 57 -0.31 19.41 -4.62
N THR B 58 -0.98 18.88 -5.61
CA THR B 58 -1.53 17.51 -5.56
C THR B 58 -0.93 16.77 -6.75
N ASP B 59 -0.68 15.49 -6.62
CA ASP B 59 -0.26 14.64 -7.75
C ASP B 59 -1.17 13.41 -7.85
N TYR B 60 -1.43 12.96 -9.06
CA TYR B 60 -2.25 11.78 -9.29
C TYR B 60 -1.49 10.77 -10.17
N ALA B 61 -1.96 9.55 -10.05
CA ALA B 61 -1.58 8.48 -11.00
C ALA B 61 -2.35 8.71 -12.30
N ASP B 62 -1.75 8.31 -13.41
CA ASP B 62 -2.34 8.41 -14.75
C ASP B 62 -3.71 7.77 -14.87
N ALA B 63 -3.93 6.63 -14.26
CA ALA B 63 -5.25 5.92 -14.27
C ALA B 63 -6.37 6.81 -13.73
N VAL B 64 -6.07 7.35 -12.56
CA VAL B 64 -6.98 8.22 -11.81
C VAL B 64 -7.20 9.61 -12.34
N LYS B 65 -6.26 10.14 -13.10
CA LYS B 65 -6.14 11.55 -13.46
C LYS B 65 -7.39 12.39 -13.31
N GLY B 66 -8.05 12.71 -14.40
CA GLY B 66 -9.14 13.71 -14.42
C GLY B 66 -10.39 13.25 -13.68
N ARG B 67 -10.43 11.98 -13.32
CA ARG B 67 -11.66 11.39 -12.76
C ARG B 67 -11.71 11.64 -11.25
N PHE B 68 -10.58 11.46 -10.59
CA PHE B 68 -10.46 11.65 -9.15
C PHE B 68 -9.83 13.00 -8.77
N THR B 69 -10.36 13.55 -7.69
CA THR B 69 -9.98 14.84 -7.11
C THR B 69 -9.74 14.68 -5.62
N ILE B 70 -8.60 15.22 -5.21
CA ILE B 70 -8.15 15.17 -3.82
C ILE B 70 -8.16 16.55 -3.18
N THR B 71 -8.79 16.55 -2.00
CA THR B 71 -8.95 17.83 -1.27
C THR B 71 -8.80 17.56 0.20
N ARG B 72 -8.10 18.45 0.90
CA ARG B 72 -8.01 18.36 2.38
C ARG B 72 -8.89 19.37 3.07
N ASP B 73 -9.57 19.01 4.16
CA ASP B 73 -10.05 20.08 5.09
C ASP B 73 -9.16 20.10 6.33
N ASN B 74 -8.29 21.09 6.40
CA ASN B 74 -7.33 21.22 7.51
C ASN B 74 -8.05 21.62 8.81
N SER B 75 -9.04 22.49 8.70
CA SER B 75 -9.82 22.94 9.86
C SER B 75 -10.51 21.78 10.60
N LYS B 76 -10.67 20.65 9.94
CA LYS B 76 -11.32 19.49 10.61
C LYS B 76 -10.46 18.26 10.42
N ASN B 77 -9.30 18.54 9.88
CA ASN B 77 -8.22 17.61 9.57
C ASN B 77 -8.74 16.28 9.02
N THR B 78 -9.24 16.50 7.80
CA THR B 78 -9.89 15.50 6.95
C THR B 78 -9.33 15.51 5.53
N LEU B 79 -9.45 14.35 4.91
CA LEU B 79 -9.04 14.06 3.57
C LEU B 79 -10.21 13.48 2.76
N TYR B 80 -10.26 13.96 1.53
CA TYR B 80 -11.29 13.73 0.57
C TYR B 80 -10.76 13.26 -0.79
N LEU B 81 -11.55 12.32 -1.25
CA LEU B 81 -11.38 11.83 -2.62
C LEU B 81 -12.77 11.85 -3.26
N GLN B 82 -12.78 12.57 -4.35
CA GLN B 82 -13.98 12.72 -5.20
C GLN B 82 -13.64 11.90 -6.44
N MET B 83 -14.33 10.80 -6.53
CA MET B 83 -14.15 9.80 -7.59
C MET B 83 -15.32 9.99 -8.58
N ASN B 84 -15.01 10.65 -9.69
CA ASN B 84 -15.94 10.77 -10.82
C ASN B 84 -15.64 9.61 -11.79
N SER B 85 -16.56 9.37 -12.68
CA SER B 85 -16.28 8.55 -13.89
C SER B 85 -15.80 7.16 -13.57
N LEU B 86 -16.44 6.57 -12.58
CA LEU B 86 -16.16 5.26 -12.05
C LEU B 86 -16.26 4.13 -13.08
N ARG B 87 -15.19 3.35 -13.13
CA ARG B 87 -15.08 2.15 -13.96
C ARG B 87 -14.64 1.02 -13.02
N ALA B 88 -15.00 -0.19 -13.38
CA ALA B 88 -14.66 -1.39 -12.65
C ALA B 88 -13.21 -1.47 -12.24
N GLU B 89 -12.28 -1.01 -13.07
CA GLU B 89 -10.86 -0.99 -12.72
C GLU B 89 -10.61 -0.26 -11.40
N ASP B 90 -11.55 0.59 -11.02
CA ASP B 90 -11.51 1.37 -9.79
C ASP B 90 -12.03 0.58 -8.58
N THR B 91 -12.46 -0.64 -8.76
CA THR B 91 -12.94 -1.44 -7.60
C THR B 91 -11.71 -1.77 -6.75
N ALA B 92 -11.85 -1.56 -5.45
CA ALA B 92 -10.71 -1.71 -4.54
C ALA B 92 -11.03 -1.39 -3.08
N ILE B 93 -10.11 -1.82 -2.21
CA ILE B 93 -10.13 -1.27 -0.82
C ILE B 93 -9.24 -0.03 -0.86
N TYR B 94 -9.82 1.12 -0.60
CA TYR B 94 -9.14 2.40 -0.49
C TYR B 94 -8.70 2.71 0.94
N TYR B 95 -7.41 3.06 1.05
CA TYR B 95 -6.76 3.41 2.29
C TYR B 95 -6.26 4.87 2.22
N CYS B 96 -6.47 5.52 3.34
CA CYS B 96 -5.80 6.84 3.51
C CYS B 96 -4.53 6.51 4.26
N ALA B 97 -3.47 7.13 3.81
CA ALA B 97 -2.13 6.91 4.35
C ALA B 97 -1.42 8.23 4.63
N LYS B 98 -0.78 8.21 5.79
CA LYS B 98 0.10 9.30 6.26
C LYS B 98 1.55 9.13 5.82
N HIS B 99 2.07 10.19 5.21
CA HIS B 99 3.52 10.13 4.83
C HIS B 99 4.39 10.17 6.08
N ARG B 100 5.40 9.31 6.15
CA ARG B 100 6.25 9.18 7.34
C ARG B 100 6.85 10.55 7.69
N VAL B 101 7.30 11.27 6.69
CA VAL B 101 7.74 12.66 6.89
C VAL B 101 6.87 13.53 5.97
N SER B 102 7.15 14.81 6.07
CA SER B 102 6.33 15.79 5.35
C SER B 102 6.92 16.00 3.98
N TYR B 103 6.62 15.03 3.12
CA TYR B 103 7.13 15.07 1.71
C TYR B 103 6.48 13.93 0.95
N VAL B 104 6.37 14.06 -0.38
CA VAL B 104 5.83 13.00 -1.21
C VAL B 104 6.71 11.74 -1.18
N LEU B 105 7.99 11.95 -1.47
CA LEU B 105 8.91 10.83 -1.66
C LEU B 105 9.26 10.28 -0.28
N THR B 106 8.32 9.50 0.21
CA THR B 106 8.34 8.97 1.57
C THR B 106 7.63 7.61 1.56
N GLY B 107 8.01 6.77 2.49
CA GLY B 107 7.15 5.58 2.80
C GLY B 107 5.92 6.15 3.53
N PHE B 108 5.05 5.19 3.87
CA PHE B 108 3.84 5.53 4.65
C PHE B 108 4.06 4.98 6.05
N ASP B 109 3.97 5.91 6.95
CA ASP B 109 4.13 5.76 8.39
C ASP B 109 2.95 4.96 8.96
N SER B 110 1.78 5.47 8.59
CA SER B 110 0.52 5.05 9.23
C SER B 110 -0.60 4.99 8.19
N TRP B 111 -1.33 3.90 8.23
CA TRP B 111 -2.47 3.61 7.40
C TRP B 111 -3.78 3.58 8.22
N GLY B 112 -4.81 3.89 7.44
CA GLY B 112 -6.19 3.72 7.94
C GLY B 112 -6.57 2.25 7.74
N GLN B 113 -7.85 2.00 7.99
CA GLN B 113 -8.43 0.68 7.94
C GLN B 113 -8.93 0.19 6.59
N GLY B 114 -9.28 1.02 5.63
CA GLY B 114 -9.81 0.58 4.34
C GLY B 114 -11.34 0.71 4.23
N THR B 115 -11.71 1.26 3.10
CA THR B 115 -13.13 1.45 2.69
C THR B 115 -13.26 0.76 1.35
N LEU B 116 -14.32 -0.02 1.11
CA LEU B 116 -14.47 -0.73 -0.17
C LEU B 116 -15.38 -0.01 -1.15
N VAL B 117 -14.84 0.05 -2.38
CA VAL B 117 -15.55 0.66 -3.51
C VAL B 117 -15.73 -0.36 -4.63
N THR B 118 -16.96 -0.84 -4.65
CA THR B 118 -17.41 -1.79 -5.65
C THR B 118 -18.15 -1.01 -6.74
N VAL B 119 -17.42 -0.75 -7.80
CA VAL B 119 -17.98 -0.11 -8.99
C VAL B 119 -18.59 -1.18 -9.90
N SER B 120 -19.74 -1.74 -9.54
CA SER B 120 -20.28 -2.83 -10.41
C SER B 120 -21.80 -2.78 -10.49
N SER B 121 -22.23 -2.84 -11.74
CA SER B 121 -23.64 -3.02 -12.08
C SER B 121 -23.93 -4.53 -11.99
N GLY B 122 -23.35 -5.21 -12.95
CA GLY B 122 -23.59 -6.67 -13.13
C GLY B 122 -22.61 -7.13 -14.22
N SER B 123 -21.42 -7.41 -13.74
CA SER B 123 -20.29 -7.80 -14.61
C SER B 123 -20.40 -7.14 -15.98
N ALA B 124 -20.61 -7.96 -16.99
CA ALA B 124 -20.71 -7.50 -18.37
C ALA B 124 -21.80 -8.27 -19.11
N SER B 125 -22.46 -7.53 -20.00
CA SER B 125 -23.72 -7.95 -20.62
C SER B 125 -23.70 -7.87 -22.15
N ALA B 126 -23.23 -8.96 -22.74
CA ALA B 126 -23.09 -9.16 -24.18
C ALA B 126 -23.69 -10.50 -24.60
N PRO B 127 -24.47 -10.44 -25.68
CA PRO B 127 -25.24 -11.61 -26.15
C PRO B 127 -24.79 -12.17 -27.49
N THR B 128 -24.20 -11.31 -28.32
CA THR B 128 -24.01 -11.64 -29.74
C THR B 128 -22.68 -12.28 -30.09
N LEU B 129 -22.63 -13.52 -29.64
CA LEU B 129 -21.59 -14.51 -29.64
C LEU B 129 -21.44 -14.95 -28.15
#